data_4L85
#
_entry.id   4L85
#
_cell.length_a   108.918
_cell.length_b   108.918
_cell.length_c   74.408
_cell.angle_alpha   90.00
_cell.angle_beta   90.00
_cell.angle_gamma   120.00
#
_symmetry.space_group_name_H-M   'P 31 2 1'
#
loop_
_entity.id
_entity.type
_entity.pdbx_description
1 polymer 'KDP operon transcriptional regulatory protein KdpE'
2 non-polymer 'IODIDE ION'
3 water water
#
_entity_poly.entity_id   1
_entity_poly.type   'polypeptide(L)'
_entity_poly.pdbx_seq_one_letter_code
;GAMANVLIVEDEQAIRRFLRTALEGDGMRVFEAETLQRGLLEAATRKPDLIILALGLPDGDGIEFIRDLRQWSAVPVIVL
SARSEESDKIAALDAGADDYLSKPFGIGELQARLRVALRRHSA
;
_entity_poly.pdbx_strand_id   A,B,C
#
loop_
_chem_comp.id
_chem_comp.type
_chem_comp.name
_chem_comp.formula
IOD non-polymer 'IODIDE ION' 'I -1'
#
# COMPACT_ATOMS: atom_id res chain seq x y z
N GLY A 1 1.73 -18.29 20.37
CA GLY A 1 2.96 -17.90 21.05
C GLY A 1 3.29 -16.43 20.86
N ALA A 2 4.35 -16.18 20.09
CA ALA A 2 4.84 -14.82 19.83
C ALA A 2 3.86 -13.97 19.01
N MET A 3 3.67 -12.71 19.39
CA MET A 3 2.58 -11.90 18.83
C MET A 3 2.74 -10.38 19.04
N ALA A 4 2.82 -9.62 17.96
CA ALA A 4 2.88 -8.15 18.07
C ALA A 4 1.50 -7.51 18.17
N ASN A 5 1.44 -6.34 18.82
CA ASN A 5 0.20 -5.61 19.09
C ASN A 5 0.08 -4.41 18.18
N VAL A 6 -1.03 -4.33 17.45
CA VAL A 6 -1.26 -3.22 16.55
C VAL A 6 -2.52 -2.49 16.92
N LEU A 7 -2.42 -1.16 17.05
CA LEU A 7 -3.61 -0.36 17.32
C LEU A 7 -4.03 0.29 16.01
N ILE A 8 -5.28 0.09 15.63
CA ILE A 8 -5.80 0.66 14.40
C ILE A 8 -6.76 1.79 14.74
N VAL A 9 -6.50 2.98 14.21
CA VAL A 9 -7.42 4.09 14.44
C VAL A 9 -8.20 4.36 13.16
N GLU A 10 -9.47 3.94 13.15
CA GLU A 10 -10.23 3.91 11.91
C GLU A 10 -11.71 4.02 12.22
N ASP A 11 -12.39 4.94 11.55
CA ASP A 11 -13.80 5.21 11.82
C ASP A 11 -14.75 4.26 11.10
N GLU A 12 -14.33 3.73 9.95
CA GLU A 12 -15.20 2.85 9.17
C GLU A 12 -15.21 1.39 9.67
N GLN A 13 -16.40 0.91 10.03
CA GLN A 13 -16.58 -0.45 10.54
C GLN A 13 -16.11 -1.54 9.57
N ALA A 14 -16.50 -1.40 8.30
CA ALA A 14 -16.14 -2.38 7.28
C ALA A 14 -14.62 -2.51 7.13
N ILE A 15 -13.92 -1.38 7.12
CA ILE A 15 -12.47 -1.39 6.98
C ILE A 15 -11.82 -1.87 8.27
N ARG A 16 -12.40 -1.47 9.40
CA ARG A 16 -11.92 -1.93 10.69
C ARG A 16 -11.96 -3.47 10.77
N ARG A 17 -13.07 -4.06 10.32
CA ARG A 17 -13.20 -5.52 10.25
C ARG A 17 -12.20 -6.15 9.28
N PHE A 18 -12.14 -5.60 8.07
CA PHE A 18 -11.18 -6.08 7.07
C PHE A 18 -9.75 -6.11 7.62
N LEU A 19 -9.32 -5.00 8.21
CA LEU A 19 -7.97 -4.90 8.73
C LEU A 19 -7.74 -5.85 9.90
N ARG A 20 -8.74 -6.02 10.76
CA ARG A 20 -8.60 -6.98 11.85
C ARG A 20 -8.33 -8.38 11.29
N THR A 21 -9.19 -8.81 10.38
CA THR A 21 -9.03 -10.11 9.74
C THR A 21 -7.67 -10.28 9.06
N ALA A 22 -7.22 -9.27 8.32
CA ALA A 22 -5.95 -9.38 7.59
C ALA A 22 -4.74 -9.40 8.52
N LEU A 23 -4.79 -8.59 9.58
CA LEU A 23 -3.66 -8.49 10.51
C LEU A 23 -3.62 -9.68 11.47
N GLU A 24 -4.79 -10.13 11.93
CA GLU A 24 -4.85 -11.31 12.76
C GLU A 24 -4.41 -12.54 11.96
N GLY A 25 -4.64 -12.50 10.65
CA GLY A 25 -4.19 -13.56 9.77
C GLY A 25 -2.68 -13.61 9.64
N ASP A 26 -2.03 -12.48 9.92
CA ASP A 26 -0.56 -12.45 9.92
C ASP A 26 -0.02 -12.58 11.34
N GLY A 27 -0.84 -13.10 12.24
CA GLY A 27 -0.38 -13.43 13.56
C GLY A 27 -0.26 -12.23 14.48
N MET A 28 -0.98 -11.16 14.16
CA MET A 28 -0.98 -10.00 15.05
C MET A 28 -2.21 -9.88 15.92
N ARG A 29 -2.02 -9.27 17.09
CA ARG A 29 -3.13 -8.92 17.96
C ARG A 29 -3.55 -7.48 17.63
N VAL A 30 -4.85 -7.27 17.49
CA VAL A 30 -5.36 -6.01 16.98
C VAL A 30 -6.22 -5.28 17.98
N PHE A 31 -5.91 -4.02 18.25
CA PHE A 31 -6.81 -3.19 19.04
C PHE A 31 -7.33 -2.14 18.09
N GLU A 32 -8.50 -1.59 18.38
CA GLU A 32 -9.12 -0.63 17.50
C GLU A 32 -9.65 0.58 18.28
N ALA A 33 -9.76 1.72 17.61
CA ALA A 33 -10.31 2.92 18.21
C ALA A 33 -11.03 3.65 17.10
N GLU A 34 -12.21 4.19 17.40
CA GLU A 34 -13.05 4.75 16.35
C GLU A 34 -12.85 6.24 16.16
N THR A 35 -12.19 6.89 17.13
CA THR A 35 -11.90 8.31 17.05
C THR A 35 -10.44 8.57 17.46
N LEU A 36 -9.95 9.78 17.21
CA LEU A 36 -8.58 10.14 17.56
C LEU A 36 -8.35 10.16 19.07
N GLN A 37 -9.29 10.73 19.82
CA GLN A 37 -9.14 10.82 21.29
C GLN A 37 -9.05 9.44 21.93
N ARG A 38 -9.98 8.56 21.59
CA ARG A 38 -9.93 7.18 22.06
C ARG A 38 -8.64 6.51 21.61
N GLY A 39 -8.13 6.92 20.45
CA GLY A 39 -6.90 6.37 19.93
C GLY A 39 -5.71 6.72 20.81
N LEU A 40 -5.67 7.97 21.25
CA LEU A 40 -4.64 8.41 22.18
C LEU A 40 -4.74 7.66 23.50
N LEU A 41 -5.96 7.50 24.00
CA LEU A 41 -6.21 6.72 25.20
C LEU A 41 -5.74 5.28 25.03
N GLU A 42 -6.09 4.65 23.91
CA GLU A 42 -5.67 3.28 23.65
C GLU A 42 -4.14 3.21 23.54
N ALA A 43 -3.53 4.26 22.99
CA ALA A 43 -2.07 4.27 22.86
C ALA A 43 -1.40 4.31 24.22
N ALA A 44 -2.09 4.90 25.20
CA ALA A 44 -1.56 5.01 26.56
C ALA A 44 -1.70 3.70 27.35
N THR A 45 -2.83 3.04 27.22
CA THR A 45 -3.08 1.86 28.05
C THR A 45 -2.61 0.54 27.45
N ARG A 46 -2.54 0.47 26.12
CA ARG A 46 -2.23 -0.78 25.46
C ARG A 46 -0.74 -0.91 25.16
N LYS A 47 0.00 0.19 25.26
CA LYS A 47 1.37 0.30 24.74
C LYS A 47 1.62 -0.53 23.47
N PRO A 48 0.93 -0.18 22.38
CA PRO A 48 1.01 -0.97 21.15
C PRO A 48 2.42 -0.96 20.54
N ASP A 49 2.74 -1.96 19.73
CA ASP A 49 4.02 -2.00 19.02
C ASP A 49 3.97 -1.10 17.79
N LEU A 50 2.77 -0.72 17.39
CA LEU A 50 2.58 -0.08 16.10
C LEU A 50 1.18 0.53 16.05
N ILE A 51 1.06 1.70 15.42
CA ILE A 51 -0.25 2.32 15.26
C ILE A 51 -0.48 2.57 13.78
N ILE A 52 -1.64 2.12 13.30
CA ILE A 52 -2.11 2.43 11.95
C ILE A 52 -3.16 3.52 12.07
N LEU A 53 -2.86 4.69 11.52
CA LEU A 53 -3.74 5.84 11.65
C LEU A 53 -4.48 6.08 10.34
N ALA A 54 -5.75 5.68 10.28
CA ALA A 54 -6.54 5.89 9.06
C ALA A 54 -7.20 7.26 9.04
N LEU A 55 -6.63 8.18 8.25
CA LEU A 55 -7.09 9.56 8.20
C LEU A 55 -8.32 9.77 7.33
N GLY A 56 -8.68 11.04 7.13
CA GLY A 56 -9.79 11.40 6.28
C GLY A 56 -9.42 12.50 5.30
N GLY A 62 -5.57 14.96 12.92
CA GLY A 62 -4.70 13.93 12.38
C GLY A 62 -3.24 14.20 12.64
N ILE A 63 -2.73 15.28 12.06
CA ILE A 63 -1.40 15.79 12.38
C ILE A 63 -1.30 16.07 13.87
N GLU A 64 -2.37 16.62 14.43
CA GLU A 64 -2.41 16.94 15.86
C GLU A 64 -2.33 15.70 16.73
N PHE A 65 -3.00 14.64 16.31
CA PHE A 65 -2.89 13.36 16.98
C PHE A 65 -1.41 12.91 17.02
N ILE A 66 -0.74 12.96 15.87
CA ILE A 66 0.66 12.55 15.80
C ILE A 66 1.52 13.39 16.73
N ARG A 67 1.35 14.71 16.66
CA ARG A 67 2.14 15.64 17.47
C ARG A 67 1.94 15.44 18.97
N ASP A 68 0.70 15.19 19.37
CA ASP A 68 0.38 14.90 20.77
C ASP A 68 1.09 13.61 21.19
N LEU A 69 0.85 12.54 20.46
CA LEU A 69 1.40 11.23 20.78
C LEU A 69 2.92 11.27 20.92
N ARG A 70 3.59 11.99 20.01
CA ARG A 70 5.05 12.04 19.99
C ARG A 70 5.67 12.72 21.21
N GLN A 71 4.86 13.45 21.97
CA GLN A 71 5.38 14.12 23.17
C GLN A 71 5.59 13.13 24.31
N TRP A 72 5.13 11.89 24.14
CA TRP A 72 5.28 10.89 25.18
C TRP A 72 5.50 9.47 24.68
N SER A 73 5.48 9.27 23.37
CA SER A 73 5.62 7.92 22.82
C SER A 73 6.36 7.89 21.49
N ALA A 74 7.27 6.92 21.36
CA ALA A 74 8.00 6.76 20.13
C ALA A 74 7.43 5.60 19.27
N VAL A 75 6.26 5.10 19.62
CA VAL A 75 5.64 4.02 18.85
C VAL A 75 5.54 4.37 17.35
N PRO A 76 5.92 3.42 16.47
CA PRO A 76 5.81 3.62 15.03
C PRO A 76 4.39 3.93 14.59
N VAL A 77 4.25 4.91 13.71
CA VAL A 77 2.94 5.27 13.19
C VAL A 77 2.94 5.20 11.67
N ILE A 78 1.96 4.50 11.11
CA ILE A 78 1.78 4.42 9.67
C ILE A 78 0.43 5.03 9.30
N VAL A 79 0.46 6.02 8.42
CA VAL A 79 -0.75 6.71 8.02
C VAL A 79 -1.34 6.09 6.75
N LEU A 80 -2.65 5.91 6.74
CA LEU A 80 -3.41 5.54 5.55
C LEU A 80 -4.34 6.71 5.25
N SER A 81 -4.16 7.33 4.10
CA SER A 81 -4.94 8.52 3.79
C SER A 81 -5.60 8.44 2.42
N ALA A 82 -6.75 9.10 2.27
CA ALA A 82 -7.36 9.26 0.95
C ALA A 82 -6.58 10.30 0.13
N ARG A 83 -5.82 11.15 0.81
CA ARG A 83 -5.05 12.22 0.16
C ARG A 83 -3.72 11.71 -0.38
N SER A 84 -3.42 12.05 -1.63
CA SER A 84 -2.13 11.73 -2.21
C SER A 84 -1.29 12.99 -2.41
N GLU A 85 -1.73 14.09 -1.83
CA GLU A 85 -1.02 15.36 -1.92
C GLU A 85 0.34 15.29 -1.25
N GLU A 86 1.38 15.64 -2.01
CA GLU A 86 2.75 15.58 -1.51
C GLU A 86 2.89 16.36 -0.22
N SER A 87 2.25 17.54 -0.21
CA SER A 87 2.23 18.43 0.94
C SER A 87 1.74 17.72 2.21
N ASP A 88 0.70 16.92 2.08
CA ASP A 88 0.14 16.19 3.22
C ASP A 88 1.08 15.09 3.70
N LYS A 89 1.71 14.38 2.77
CA LYS A 89 2.63 13.31 3.14
C LYS A 89 3.80 13.90 3.90
N ILE A 90 4.37 14.98 3.38
CA ILE A 90 5.48 15.67 4.03
C ILE A 90 5.10 16.14 5.46
N ALA A 91 3.93 16.77 5.59
CA ALA A 91 3.44 17.20 6.91
C ALA A 91 3.33 16.07 7.94
N ALA A 92 2.70 14.96 7.56
CA ALA A 92 2.54 13.84 8.50
C ALA A 92 3.89 13.24 8.91
N LEU A 93 4.78 13.04 7.94
CA LEU A 93 6.09 12.44 8.23
C LEU A 93 6.94 13.38 9.10
N ASP A 94 6.99 14.66 8.74
CA ASP A 94 7.67 15.67 9.55
C ASP A 94 7.08 15.81 10.96
N ALA A 95 5.77 15.58 11.09
CA ALA A 95 5.14 15.60 12.40
C ALA A 95 5.55 14.39 13.24
N GLY A 96 5.98 13.32 12.59
CA GLY A 96 6.45 12.17 13.32
C GLY A 96 5.97 10.82 12.85
N ALA A 97 5.16 10.79 11.81
CA ALA A 97 4.72 9.52 11.25
C ALA A 97 5.94 8.82 10.67
N ASP A 98 5.91 7.49 10.63
CA ASP A 98 7.03 6.73 10.10
C ASP A 98 6.79 6.35 8.66
N ASP A 99 5.54 6.39 8.23
CA ASP A 99 5.20 6.01 6.86
C ASP A 99 3.82 6.52 6.51
N TYR A 100 3.51 6.48 5.22
CA TYR A 100 2.29 7.11 4.71
C TYR A 100 1.91 6.40 3.43
N LEU A 101 0.71 5.84 3.41
CA LEU A 101 0.22 5.20 2.20
C LEU A 101 -1.02 5.94 1.72
N SER A 102 -1.16 6.12 0.41
CA SER A 102 -2.37 6.72 -0.13
C SER A 102 -3.14 5.71 -0.99
N LYS A 103 -4.45 5.94 -1.11
CA LYS A 103 -5.37 5.01 -1.76
C LYS A 103 -5.04 4.88 -3.24
N PRO A 104 -5.11 3.66 -3.79
CA PRO A 104 -5.46 2.40 -3.12
C PRO A 104 -4.27 1.78 -2.39
N PHE A 105 -4.44 1.48 -1.12
CA PHE A 105 -3.41 0.76 -0.37
C PHE A 105 -3.40 -0.68 -0.88
N GLY A 106 -2.22 -1.29 -0.99
CA GLY A 106 -2.18 -2.72 -1.22
C GLY A 106 -1.99 -3.38 0.14
N ILE A 107 -2.86 -4.32 0.50
CA ILE A 107 -2.73 -5.02 1.79
C ILE A 107 -1.36 -5.72 1.94
N GLY A 108 -0.88 -6.37 0.87
CA GLY A 108 0.43 -7.00 0.89
C GLY A 108 1.57 -6.01 1.17
N GLU A 109 1.50 -4.84 0.56
CA GLU A 109 2.51 -3.83 0.77
C GLU A 109 2.42 -3.24 2.18
N LEU A 110 1.20 -2.99 2.63
CA LEU A 110 1.00 -2.51 4.00
C LEU A 110 1.60 -3.51 4.98
N GLN A 111 1.37 -4.80 4.75
CA GLN A 111 1.91 -5.81 5.65
C GLN A 111 3.45 -5.84 5.63
N ALA A 112 4.04 -5.64 4.46
CA ALA A 112 5.51 -5.57 4.36
C ALA A 112 6.04 -4.32 5.08
N ARG A 113 5.31 -3.21 4.95
CA ARG A 113 5.69 -1.98 5.62
C ARG A 113 5.52 -2.08 7.15
N LEU A 114 4.51 -2.83 7.59
CA LEU A 114 4.35 -3.13 9.02
C LEU A 114 5.55 -3.95 9.53
N ARG A 115 5.96 -4.96 8.76
CA ARG A 115 7.13 -5.76 9.13
C ARG A 115 8.36 -4.86 9.25
N VAL A 116 8.49 -3.86 8.37
CA VAL A 116 9.64 -2.96 8.45
C VAL A 116 9.64 -2.17 9.78
N ALA A 117 8.47 -1.62 10.12
CA ALA A 117 8.31 -0.87 11.36
C ALA A 117 8.59 -1.72 12.59
N LEU A 118 8.14 -2.97 12.57
CA LEU A 118 8.34 -3.87 13.70
C LEU A 118 9.79 -4.35 13.89
N ARG A 119 10.66 -4.31 12.88
CA ARG A 119 12.05 -4.73 13.17
C ARG A 119 12.78 -3.69 14.02
N ARG A 120 12.92 -4.02 15.30
CA ARG A 120 13.50 -3.13 16.30
C ARG A 120 14.99 -3.39 16.50
N HIS A 121 15.67 -2.46 17.14
CA HIS A 121 17.10 -2.59 17.41
C HIS A 121 17.54 -1.65 18.52
N ALA B 2 -3.00 -17.40 -18.29
CA ALA B 2 -3.76 -17.46 -19.53
C ALA B 2 -5.25 -17.35 -19.24
N MET B 3 -5.69 -18.05 -18.20
CA MET B 3 -7.09 -18.06 -17.80
C MET B 3 -7.38 -16.90 -16.85
N ALA B 4 -8.50 -16.20 -17.09
CA ALA B 4 -8.87 -15.02 -16.30
C ALA B 4 -9.54 -15.40 -14.98
N ASN B 5 -9.13 -14.75 -13.89
CA ASN B 5 -9.68 -15.00 -12.55
C ASN B 5 -10.82 -14.06 -12.20
N VAL B 6 -12.04 -14.59 -12.16
CA VAL B 6 -13.23 -13.78 -11.85
C VAL B 6 -13.80 -14.13 -10.47
N LEU B 7 -13.98 -13.10 -9.65
CA LEU B 7 -14.58 -13.27 -8.34
C LEU B 7 -16.02 -12.74 -8.34
N ILE B 8 -16.95 -13.57 -7.93
CA ILE B 8 -18.34 -13.14 -7.83
C ILE B 8 -18.68 -12.84 -6.38
N VAL B 9 -19.03 -11.59 -6.11
CA VAL B 9 -19.45 -11.17 -4.79
C VAL B 9 -20.96 -11.06 -4.80
N GLU B 10 -21.63 -11.94 -4.05
CA GLU B 10 -23.08 -12.10 -4.13
C GLU B 10 -23.84 -11.49 -2.94
N ASP B 11 -25.09 -11.95 -2.78
CA ASP B 11 -25.95 -11.56 -1.67
C ASP B 11 -27.13 -12.52 -1.60
N ARG B 17 -26.30 -20.12 -10.04
CA ARG B 17 -25.37 -21.16 -10.49
C ARG B 17 -25.15 -21.14 -12.00
N PHE B 18 -26.12 -20.61 -12.74
CA PHE B 18 -26.05 -20.65 -14.20
C PHE B 18 -25.01 -19.66 -14.73
N LEU B 19 -24.75 -18.61 -13.95
CA LEU B 19 -23.83 -17.56 -14.36
C LEU B 19 -22.42 -18.10 -14.26
N ARG B 20 -22.10 -18.71 -13.12
CA ARG B 20 -20.82 -19.36 -12.92
C ARG B 20 -20.54 -20.39 -14.00
N THR B 21 -21.57 -21.17 -14.35
CA THR B 21 -21.44 -22.19 -15.37
C THR B 21 -21.08 -21.60 -16.73
N ALA B 22 -21.82 -20.57 -17.15
CA ALA B 22 -21.58 -19.94 -18.45
C ALA B 22 -20.20 -19.26 -18.54
N LEU B 23 -19.75 -18.66 -17.44
CA LEU B 23 -18.45 -17.98 -17.43
C LEU B 23 -17.31 -18.97 -17.51
N GLU B 24 -17.45 -20.10 -16.80
CA GLU B 24 -16.50 -21.19 -16.89
C GLU B 24 -16.50 -21.78 -18.29
N GLY B 25 -17.66 -21.73 -18.94
CA GLY B 25 -17.78 -22.17 -20.31
C GLY B 25 -17.08 -21.24 -21.29
N ASP B 26 -16.79 -20.02 -20.82
CA ASP B 26 -16.09 -19.05 -21.65
C ASP B 26 -14.60 -18.94 -21.27
N GLY B 27 -14.09 -19.97 -20.61
CA GLY B 27 -12.67 -20.06 -20.32
C GLY B 27 -12.18 -19.14 -19.23
N MET B 28 -12.89 -19.13 -18.11
CA MET B 28 -12.52 -18.32 -16.95
C MET B 28 -12.57 -19.17 -15.70
N ARG B 29 -11.71 -18.86 -14.73
CA ARG B 29 -11.82 -19.48 -13.42
C ARG B 29 -12.74 -18.64 -12.58
N VAL B 30 -13.76 -19.26 -12.00
CA VAL B 30 -14.73 -18.50 -11.22
C VAL B 30 -14.63 -18.83 -9.74
N PHE B 31 -14.50 -17.79 -8.92
CA PHE B 31 -14.57 -17.93 -7.47
C PHE B 31 -15.76 -17.14 -6.94
N GLU B 32 -16.41 -17.65 -5.90
CA GLU B 32 -17.60 -17.02 -5.33
C GLU B 32 -17.41 -16.59 -3.88
N ALA B 33 -17.84 -15.37 -3.55
CA ALA B 33 -17.88 -14.90 -2.17
C ALA B 33 -19.31 -14.51 -1.85
N GLU B 34 -19.86 -15.04 -0.77
CA GLU B 34 -21.30 -14.94 -0.54
C GLU B 34 -21.71 -13.88 0.49
N THR B 35 -20.74 -13.09 0.95
CA THR B 35 -21.03 -11.88 1.72
C THR B 35 -20.12 -10.75 1.25
N LEU B 36 -20.50 -9.53 1.56
CA LEU B 36 -19.71 -8.36 1.18
C LEU B 36 -18.43 -8.26 2.00
N GLN B 37 -18.47 -8.72 3.25
CA GLN B 37 -17.30 -8.72 4.12
C GLN B 37 -16.26 -9.72 3.58
N ARG B 38 -16.72 -10.91 3.23
CA ARG B 38 -15.85 -11.93 2.64
C ARG B 38 -15.37 -11.47 1.28
N GLY B 39 -16.24 -10.81 0.52
CA GLY B 39 -15.88 -10.31 -0.78
C GLY B 39 -14.78 -9.26 -0.71
N LEU B 40 -14.83 -8.41 0.32
CA LEU B 40 -13.83 -7.36 0.45
C LEU B 40 -12.48 -8.00 0.78
N LEU B 41 -12.50 -8.90 1.74
CA LEU B 41 -11.30 -9.59 2.18
C LEU B 41 -10.64 -10.35 1.02
N GLU B 42 -11.45 -11.05 0.24
CA GLU B 42 -10.93 -11.87 -0.85
C GLU B 42 -10.39 -11.02 -2.01
N ALA B 43 -11.08 -9.93 -2.31
CA ALA B 43 -10.72 -9.07 -3.42
C ALA B 43 -9.40 -8.36 -3.15
N ALA B 44 -9.27 -7.81 -1.95
CA ALA B 44 -8.04 -7.12 -1.56
C ALA B 44 -6.85 -8.07 -1.41
N THR B 45 -7.10 -9.26 -0.88
CA THR B 45 -6.00 -10.18 -0.57
C THR B 45 -5.63 -11.10 -1.73
N ARG B 46 -6.62 -11.60 -2.47
CA ARG B 46 -6.33 -12.62 -3.47
C ARG B 46 -6.13 -12.14 -4.92
N LYS B 47 -6.40 -10.86 -5.16
CA LYS B 47 -6.14 -10.22 -6.45
C LYS B 47 -6.66 -10.95 -7.73
N PRO B 48 -7.99 -11.12 -7.84
CA PRO B 48 -8.55 -11.67 -9.08
C PRO B 48 -8.42 -10.67 -10.21
N ASP B 49 -8.68 -11.08 -11.46
CA ASP B 49 -8.58 -10.14 -12.57
C ASP B 49 -9.81 -9.23 -12.68
N LEU B 50 -10.92 -9.70 -12.15
CA LEU B 50 -12.18 -8.96 -12.29
C LEU B 50 -13.19 -9.30 -11.18
N ILE B 51 -13.91 -8.28 -10.71
CA ILE B 51 -14.97 -8.51 -9.74
C ILE B 51 -16.35 -8.33 -10.37
N ILE B 52 -17.18 -9.36 -10.25
CA ILE B 52 -18.60 -9.22 -10.59
C ILE B 52 -19.39 -9.07 -9.30
N LEU B 53 -19.94 -7.89 -9.06
CA LEU B 53 -20.75 -7.65 -7.88
C LEU B 53 -22.25 -7.85 -8.19
N ALA B 54 -22.79 -8.98 -7.74
CA ALA B 54 -24.22 -9.25 -7.96
C ALA B 54 -25.07 -8.71 -6.81
N LEU B 55 -25.65 -7.54 -7.02
CA LEU B 55 -26.40 -6.84 -5.97
C LEU B 55 -27.81 -7.39 -5.76
N GLY B 56 -28.35 -8.06 -6.76
CA GLY B 56 -29.73 -8.49 -6.71
C GLY B 56 -30.64 -7.27 -6.71
N LEU B 57 -31.26 -6.99 -5.57
CA LEU B 57 -32.06 -5.78 -5.43
C LEU B 57 -31.17 -4.60 -5.05
N PRO B 58 -31.24 -3.50 -5.82
CA PRO B 58 -30.45 -2.27 -5.65
C PRO B 58 -30.52 -1.71 -4.23
N ASP B 59 -29.36 -1.61 -3.60
CA ASP B 59 -29.27 -1.22 -2.19
C ASP B 59 -27.94 -0.51 -1.89
N GLY B 60 -27.94 0.28 -0.83
CA GLY B 60 -26.78 1.11 -0.47
C GLY B 60 -25.54 0.36 -0.02
N ASP B 61 -25.71 -0.81 0.58
CA ASP B 61 -24.58 -1.61 1.06
C ASP B 61 -23.66 -2.00 -0.07
N GLY B 62 -24.19 -1.98 -1.29
CA GLY B 62 -23.42 -2.24 -2.49
C GLY B 62 -22.48 -1.09 -2.80
N ILE B 63 -22.97 0.13 -2.61
CA ILE B 63 -22.18 1.34 -2.88
C ILE B 63 -21.03 1.48 -1.90
N GLU B 64 -21.30 1.21 -0.62
CA GLU B 64 -20.26 1.28 0.38
C GLU B 64 -19.21 0.22 0.09
N PHE B 65 -19.66 -0.97 -0.30
CA PHE B 65 -18.74 -2.03 -0.70
C PHE B 65 -17.75 -1.59 -1.79
N ILE B 66 -18.27 -0.93 -2.83
CA ILE B 66 -17.42 -0.48 -3.94
C ILE B 66 -16.39 0.53 -3.46
N ARG B 67 -16.84 1.49 -2.65
CA ARG B 67 -15.93 2.48 -2.05
C ARG B 67 -14.87 1.83 -1.16
N ASP B 68 -15.30 0.84 -0.36
CA ASP B 68 -14.39 0.12 0.52
C ASP B 68 -13.32 -0.61 -0.30
N LEU B 69 -13.78 -1.29 -1.34
CA LEU B 69 -12.88 -2.06 -2.20
C LEU B 69 -11.86 -1.15 -2.89
N ARG B 70 -12.31 0.02 -3.32
CA ARG B 70 -11.45 0.94 -4.06
C ARG B 70 -10.40 1.55 -3.15
N GLN B 71 -10.62 1.52 -1.85
CA GLN B 71 -9.55 1.88 -0.92
C GLN B 71 -8.39 0.91 -1.05
N TRP B 72 -8.67 -0.32 -1.45
CA TRP B 72 -7.70 -1.40 -1.31
C TRP B 72 -7.25 -2.05 -2.61
N SER B 73 -7.97 -1.78 -3.69
CA SER B 73 -7.66 -2.43 -4.96
C SER B 73 -8.22 -1.65 -6.16
N ALA B 74 -7.55 -1.79 -7.30
CA ALA B 74 -7.99 -1.18 -8.54
C ALA B 74 -8.58 -2.20 -9.51
N VAL B 75 -8.81 -3.42 -9.05
CA VAL B 75 -9.39 -4.46 -9.90
C VAL B 75 -10.74 -3.99 -10.50
N PRO B 76 -10.98 -4.29 -11.79
CA PRO B 76 -12.24 -3.89 -12.42
C PRO B 76 -13.45 -4.52 -11.77
N VAL B 77 -14.49 -3.72 -11.56
CA VAL B 77 -15.74 -4.20 -10.97
C VAL B 77 -16.90 -3.97 -11.91
N ILE B 78 -17.64 -5.04 -12.19
CA ILE B 78 -18.87 -4.97 -12.99
C ILE B 78 -20.05 -5.33 -12.10
N VAL B 79 -21.03 -4.44 -12.02
CA VAL B 79 -22.19 -4.66 -11.15
C VAL B 79 -23.36 -5.29 -11.92
N LEU B 80 -24.01 -6.28 -11.32
CA LEU B 80 -25.25 -6.81 -11.85
C LEU B 80 -26.35 -6.58 -10.83
N SER B 81 -27.53 -6.18 -11.31
CA SER B 81 -28.69 -5.99 -10.43
C SER B 81 -30.00 -6.40 -11.11
N ALA B 82 -31.00 -6.74 -10.30
CA ALA B 82 -32.28 -7.22 -10.82
C ALA B 82 -33.10 -6.09 -11.43
N ARG B 83 -32.89 -4.86 -10.95
CA ARG B 83 -33.74 -3.74 -11.34
C ARG B 83 -32.95 -2.52 -11.80
N SER B 84 -33.45 -1.85 -12.84
CA SER B 84 -32.79 -0.67 -13.37
C SER B 84 -33.18 0.61 -12.64
N GLU B 85 -32.27 1.13 -11.82
CA GLU B 85 -32.46 2.42 -11.19
C GLU B 85 -31.27 3.30 -11.54
N GLU B 86 -31.52 4.39 -12.25
CA GLU B 86 -30.44 5.22 -12.79
C GLU B 86 -29.56 5.83 -11.71
N SER B 87 -30.17 6.29 -10.62
CA SER B 87 -29.44 6.90 -9.53
C SER B 87 -28.40 5.97 -8.89
N ASP B 88 -28.69 4.66 -8.91
CA ASP B 88 -27.82 3.67 -8.30
C ASP B 88 -26.68 3.32 -9.24
N LYS B 89 -26.95 3.39 -10.55
CA LYS B 89 -25.89 3.20 -11.52
C LYS B 89 -24.89 4.34 -11.42
N ILE B 90 -25.41 5.57 -11.37
CA ILE B 90 -24.57 6.74 -11.22
C ILE B 90 -23.78 6.65 -9.92
N ALA B 91 -24.48 6.34 -8.82
CA ALA B 91 -23.80 6.15 -7.56
C ALA B 91 -22.66 5.12 -7.65
N ALA B 92 -22.96 3.95 -8.19
CA ALA B 92 -22.00 2.85 -8.22
C ALA B 92 -20.79 3.15 -9.09
N LEU B 93 -21.04 3.73 -10.25
CA LEU B 93 -19.98 4.07 -11.18
C LEU B 93 -19.06 5.16 -10.60
N ASP B 94 -19.65 6.18 -10.00
CA ASP B 94 -18.88 7.24 -9.35
C ASP B 94 -18.07 6.70 -8.17
N ALA B 95 -18.52 5.57 -7.61
CA ALA B 95 -17.87 5.00 -6.44
C ALA B 95 -16.64 4.19 -6.87
N GLY B 96 -16.50 3.98 -8.17
CA GLY B 96 -15.34 3.28 -8.68
C GLY B 96 -15.64 2.02 -9.49
N ALA B 97 -16.91 1.70 -9.69
CA ALA B 97 -17.26 0.55 -10.52
C ALA B 97 -17.02 0.85 -12.01
N ASP B 98 -16.77 -0.21 -12.79
CA ASP B 98 -16.41 -0.03 -14.20
C ASP B 98 -17.57 -0.23 -15.18
N ASP B 99 -18.52 -1.08 -14.82
CA ASP B 99 -19.70 -1.26 -15.65
C ASP B 99 -20.86 -1.70 -14.75
N TYR B 100 -22.06 -1.72 -15.31
CA TYR B 100 -23.27 -2.02 -14.55
C TYR B 100 -24.34 -2.48 -15.54
N LEU B 101 -24.76 -3.74 -15.39
CA LEU B 101 -25.88 -4.28 -16.16
C LEU B 101 -27.05 -4.56 -15.23
N SER B 102 -28.24 -4.09 -15.58
CA SER B 102 -29.42 -4.51 -14.83
C SER B 102 -30.26 -5.44 -15.69
N LYS B 103 -30.94 -6.38 -15.05
CA LYS B 103 -31.86 -7.27 -15.74
C LYS B 103 -32.99 -6.45 -16.38
N PRO B 104 -33.45 -6.85 -17.57
CA PRO B 104 -32.97 -7.99 -18.34
C PRO B 104 -31.66 -7.71 -19.08
N PHE B 105 -30.77 -8.69 -19.13
CA PHE B 105 -29.58 -8.63 -19.97
C PHE B 105 -29.30 -10.00 -20.58
N GLY B 106 -28.43 -10.05 -21.58
CA GLY B 106 -28.03 -11.30 -22.17
C GLY B 106 -26.60 -11.67 -21.82
N ILE B 107 -26.36 -12.96 -21.67
CA ILE B 107 -25.05 -13.48 -21.29
C ILE B 107 -24.02 -13.03 -22.33
N GLY B 108 -24.45 -12.94 -23.59
CA GLY B 108 -23.60 -12.47 -24.66
C GLY B 108 -23.06 -11.09 -24.38
N GLU B 109 -23.93 -10.18 -23.96
CA GLU B 109 -23.55 -8.81 -23.69
C GLU B 109 -22.67 -8.71 -22.45
N LEU B 110 -23.04 -9.44 -21.41
CA LEU B 110 -22.22 -9.53 -20.21
C LEU B 110 -20.79 -9.95 -20.56
N GLN B 111 -20.68 -11.03 -21.33
CA GLN B 111 -19.36 -11.56 -21.68
C GLN B 111 -18.54 -10.57 -22.49
N ALA B 112 -19.21 -9.87 -23.42
CA ALA B 112 -18.57 -8.84 -24.21
C ALA B 112 -18.05 -7.71 -23.31
N ARG B 113 -18.82 -7.37 -22.28
CA ARG B 113 -18.43 -6.31 -21.36
C ARG B 113 -17.28 -6.72 -20.44
N LEU B 114 -17.23 -8.01 -20.12
CA LEU B 114 -16.13 -8.57 -19.34
C LEU B 114 -14.84 -8.47 -20.12
N ARG B 115 -14.93 -8.77 -21.41
CA ARG B 115 -13.77 -8.68 -22.30
C ARG B 115 -13.24 -7.26 -22.41
N VAL B 116 -14.13 -6.28 -22.54
CA VAL B 116 -13.75 -4.87 -22.52
C VAL B 116 -12.96 -4.52 -21.25
N ALA B 117 -13.48 -4.97 -20.11
CA ALA B 117 -12.90 -4.61 -18.84
C ALA B 117 -11.51 -5.21 -18.66
N LEU B 118 -11.33 -6.43 -19.16
CA LEU B 118 -10.07 -7.14 -19.05
C LEU B 118 -8.98 -6.55 -19.96
N ARG B 119 -9.36 -6.16 -21.17
CA ARG B 119 -8.38 -5.63 -22.11
C ARG B 119 -7.86 -4.25 -21.69
N ARG B 120 -8.75 -3.44 -21.12
CA ARG B 120 -8.38 -2.11 -20.64
C ARG B 120 -7.59 -2.17 -19.32
N HIS B 121 -7.12 -3.36 -18.98
CA HIS B 121 -6.34 -3.57 -17.76
C HIS B 121 -5.28 -4.65 -17.96
N GLY C 1 23.49 20.56 6.85
CA GLY C 1 24.89 20.19 6.98
C GLY C 1 25.81 20.98 6.07
N ALA C 2 26.81 20.33 5.44
CA ALA C 2 26.99 18.88 5.37
C ALA C 2 27.25 18.17 6.71
N MET C 3 26.40 17.21 7.02
CA MET C 3 26.44 16.49 8.30
C MET C 3 26.12 15.03 8.08
N ALA C 4 24.84 14.74 7.82
CA ALA C 4 24.42 13.40 7.39
C ALA C 4 25.11 13.05 6.07
N ASN C 5 25.63 11.83 6.00
CA ASN C 5 26.30 11.32 4.81
C ASN C 5 25.41 10.35 4.05
N VAL C 6 25.12 10.64 2.78
CA VAL C 6 24.20 9.82 2.03
C VAL C 6 24.94 9.22 0.84
N LEU C 7 24.87 7.91 0.69
CA LEU C 7 25.43 7.27 -0.48
C LEU C 7 24.35 7.00 -1.51
N ILE C 8 24.55 7.47 -2.73
CA ILE C 8 23.59 7.20 -3.80
C ILE C 8 24.12 6.17 -4.80
N VAL C 9 23.35 5.12 -5.02
CA VAL C 9 23.80 4.04 -5.89
C VAL C 9 22.87 4.01 -7.08
N GLU C 10 23.36 4.45 -8.23
CA GLU C 10 22.50 4.72 -9.38
C GLU C 10 23.42 4.81 -10.62
N ASP C 11 23.20 3.96 -11.64
CA ASP C 11 23.99 4.06 -12.88
C ASP C 11 23.42 5.05 -13.90
N GLU C 12 22.17 5.48 -13.70
CA GLU C 12 21.64 6.49 -14.59
C GLU C 12 22.16 7.86 -14.15
N GLN C 13 22.99 8.44 -14.99
CA GLN C 13 23.67 9.68 -14.69
C GLN C 13 22.69 10.80 -14.36
N ALA C 14 21.68 10.98 -15.20
CA ALA C 14 20.80 12.13 -15.02
C ALA C 14 20.12 12.10 -13.63
N ILE C 15 19.71 10.92 -13.21
CA ILE C 15 19.04 10.77 -11.93
C ILE C 15 20.04 10.90 -10.77
N ARG C 16 21.22 10.31 -10.92
CA ARG C 16 22.26 10.41 -9.90
C ARG C 16 22.65 11.87 -9.70
N ARG C 17 22.90 12.58 -10.79
CA ARG C 17 23.23 13.99 -10.77
C ARG C 17 22.13 14.86 -10.13
N PHE C 18 20.88 14.60 -10.47
CA PHE C 18 19.77 15.37 -9.89
C PHE C 18 19.70 15.17 -8.36
N LEU C 19 19.75 13.93 -7.91
CA LEU C 19 19.71 13.61 -6.48
C LEU C 19 20.89 14.21 -5.74
N ARG C 20 22.09 14.13 -6.32
CA ARG C 20 23.25 14.73 -5.67
C ARG C 20 23.04 16.23 -5.52
N THR C 21 22.57 16.87 -6.58
CA THR C 21 22.39 18.32 -6.54
C THR C 21 21.32 18.73 -5.53
N ALA C 22 20.23 17.97 -5.47
CA ALA C 22 19.13 18.30 -4.56
C ALA C 22 19.57 18.10 -3.12
N LEU C 23 20.28 17.00 -2.87
CA LEU C 23 20.63 16.64 -1.50
C LEU C 23 21.74 17.51 -0.94
N GLU C 24 22.75 17.81 -1.75
CA GLU C 24 23.83 18.70 -1.32
C GLU C 24 23.24 20.09 -1.13
N GLY C 25 22.28 20.43 -1.97
CA GLY C 25 21.64 21.72 -1.92
C GLY C 25 20.91 21.92 -0.61
N ASP C 26 20.57 20.81 0.05
CA ASP C 26 19.90 20.88 1.35
C ASP C 26 20.76 20.36 2.52
N GLY C 27 22.04 20.68 2.49
CA GLY C 27 22.94 20.44 3.61
C GLY C 27 23.21 18.99 3.98
N MET C 28 23.45 18.16 2.97
CA MET C 28 23.90 16.79 3.21
C MET C 28 25.19 16.57 2.44
N ARG C 29 26.05 15.69 2.95
CA ARG C 29 27.20 15.24 2.19
C ARG C 29 26.81 14.01 1.34
N VAL C 30 27.19 14.01 0.07
CA VAL C 30 26.72 12.97 -0.84
C VAL C 30 27.88 12.16 -1.42
N PHE C 31 27.77 10.84 -1.40
CA PHE C 31 28.75 9.98 -2.05
C PHE C 31 28.00 9.30 -3.16
N GLU C 32 28.67 9.00 -4.26
CA GLU C 32 28.01 8.40 -5.42
C GLU C 32 28.64 7.07 -5.77
N ALA C 33 27.82 6.09 -6.14
CA ALA C 33 28.36 4.86 -6.73
C ALA C 33 27.56 4.59 -7.98
N GLU C 34 28.27 4.32 -9.08
CA GLU C 34 27.67 4.11 -10.38
C GLU C 34 27.31 2.64 -10.61
N THR C 35 27.81 1.74 -9.77
CA THR C 35 27.48 0.31 -9.91
C THR C 35 27.09 -0.26 -8.56
N LEU C 36 26.44 -1.42 -8.58
CA LEU C 36 26.05 -2.08 -7.36
C LEU C 36 27.28 -2.50 -6.58
N GLN C 37 28.25 -3.12 -7.25
CA GLN C 37 29.42 -3.57 -6.51
C GLN C 37 30.20 -2.40 -5.89
N ARG C 38 30.32 -1.29 -6.61
CA ARG C 38 30.96 -0.11 -6.07
C ARG C 38 30.14 0.42 -4.91
N GLY C 39 28.82 0.33 -5.02
CA GLY C 39 27.96 0.73 -3.92
C GLY C 39 28.15 -0.04 -2.64
N LEU C 40 28.30 -1.36 -2.73
CA LEU C 40 28.52 -2.16 -1.53
C LEU C 40 29.86 -1.84 -0.89
N LEU C 41 30.90 -1.71 -1.72
CA LEU C 41 32.23 -1.43 -1.20
C LEU C 41 32.23 -0.09 -0.46
N GLU C 42 31.66 0.94 -1.08
CA GLU C 42 31.57 2.25 -0.43
C GLU C 42 30.72 2.23 0.84
N ALA C 43 29.67 1.44 0.84
CA ALA C 43 28.90 1.32 2.07
C ALA C 43 29.79 0.80 3.19
N ALA C 44 30.70 -0.14 2.89
CA ALA C 44 31.54 -0.69 3.95
C ALA C 44 32.72 0.22 4.31
N THR C 45 33.23 0.96 3.33
CA THR C 45 34.43 1.77 3.57
C THR C 45 34.07 3.16 4.03
N ARG C 46 32.93 3.67 3.60
CA ARG C 46 32.58 5.04 3.98
C ARG C 46 31.62 5.10 5.14
N LYS C 47 30.93 3.99 5.39
CA LYS C 47 29.90 3.90 6.44
C LYS C 47 28.95 5.10 6.41
N PRO C 48 28.19 5.24 5.32
CA PRO C 48 27.24 6.35 5.26
C PRO C 48 26.13 6.20 6.29
N ASP C 49 25.44 7.30 6.56
CA ASP C 49 24.28 7.28 7.45
C ASP C 49 23.07 6.69 6.74
N LEU C 50 23.10 6.68 5.42
CA LEU C 50 21.92 6.26 4.65
C LEU C 50 22.32 5.96 3.21
N ILE C 51 21.64 4.99 2.60
CA ILE C 51 21.91 4.64 1.24
C ILE C 51 20.62 4.78 0.43
N ILE C 52 20.72 5.45 -0.71
CA ILE C 52 19.62 5.49 -1.65
C ILE C 52 20.00 4.52 -2.76
N LEU C 53 19.18 3.50 -2.94
CA LEU C 53 19.49 2.46 -3.91
C LEU C 53 18.51 2.61 -5.05
N ALA C 54 19.00 3.02 -6.21
CA ALA C 54 18.06 3.34 -7.26
C ALA C 54 18.17 2.28 -8.31
N LEU C 55 17.02 1.70 -8.68
CA LEU C 55 17.02 0.48 -9.49
C LEU C 55 16.36 0.66 -10.85
N GLY C 56 16.60 -0.30 -11.74
CA GLY C 56 16.04 -0.26 -13.07
C GLY C 56 15.08 -1.41 -13.33
N LEU C 57 14.50 -1.43 -14.52
CA LEU C 57 13.54 -2.47 -14.88
C LEU C 57 14.08 -3.93 -14.78
N PRO C 58 15.36 -4.15 -15.13
CA PRO C 58 15.92 -5.48 -14.84
C PRO C 58 16.45 -5.62 -13.41
N ASP C 59 16.46 -6.87 -12.91
CA ASP C 59 16.89 -7.21 -11.56
C ASP C 59 17.03 -8.76 -11.60
N GLY C 60 17.27 -9.51 -10.50
CA GLY C 60 17.23 -9.10 -9.10
C GLY C 60 18.54 -8.84 -8.39
N ASP C 61 19.48 -8.22 -9.09
CA ASP C 61 20.75 -7.84 -8.47
C ASP C 61 20.60 -6.80 -7.35
N GLY C 62 19.61 -5.92 -7.47
CA GLY C 62 19.36 -4.92 -6.42
C GLY C 62 18.89 -5.54 -5.11
N ILE C 63 18.08 -6.58 -5.22
CA ILE C 63 17.66 -7.34 -4.05
C ILE C 63 18.85 -8.03 -3.41
N GLU C 64 19.71 -8.65 -4.22
CA GLU C 64 20.92 -9.27 -3.71
C GLU C 64 21.80 -8.25 -2.97
N PHE C 65 21.87 -7.04 -3.51
CA PHE C 65 22.60 -5.91 -2.89
C PHE C 65 22.11 -5.69 -1.45
N ILE C 66 20.79 -5.60 -1.29
CA ILE C 66 20.23 -5.36 0.03
C ILE C 66 20.51 -6.51 0.99
N ARG C 67 20.27 -7.75 0.55
CA ARG C 67 20.59 -8.92 1.36
C ARG C 67 22.08 -9.05 1.67
N ASP C 68 22.95 -8.84 0.68
CA ASP C 68 24.39 -8.84 0.95
C ASP C 68 24.71 -7.79 2.04
N LEU C 69 24.25 -6.57 1.82
CA LEU C 69 24.49 -5.49 2.77
C LEU C 69 24.00 -5.84 4.19
N ARG C 70 22.81 -6.43 4.27
CA ARG C 70 22.21 -6.71 5.57
C ARG C 70 22.89 -7.82 6.37
N GLN C 71 23.78 -8.58 5.74
CA GLN C 71 24.56 -9.56 6.48
C GLN C 71 25.57 -8.82 7.36
N TRP C 72 25.90 -7.58 6.99
CA TRP C 72 26.98 -6.87 7.65
C TRP C 72 26.51 -5.57 8.35
N SER C 73 25.43 -4.96 7.88
CA SER C 73 25.10 -3.61 8.37
C SER C 73 23.60 -3.33 8.37
N ALA C 74 23.16 -2.55 9.37
CA ALA C 74 21.77 -2.15 9.45
C ALA C 74 21.52 -0.74 8.90
N VAL C 75 22.50 -0.16 8.23
CA VAL C 75 22.34 1.18 7.62
C VAL C 75 21.01 1.30 6.84
N PRO C 76 20.31 2.43 7.00
CA PRO C 76 19.00 2.57 6.33
C PRO C 76 19.13 2.58 4.82
N VAL C 77 18.23 1.88 4.14
CA VAL C 77 18.26 1.85 2.69
C VAL C 77 16.92 2.31 2.15
N ILE C 78 16.94 3.30 1.27
CA ILE C 78 15.73 3.72 0.60
C ILE C 78 15.84 3.32 -0.85
N VAL C 79 14.90 2.50 -1.32
CA VAL C 79 14.93 2.09 -2.72
C VAL C 79 14.15 3.09 -3.57
N LEU C 80 14.68 3.45 -4.74
CA LEU C 80 13.93 4.17 -5.76
C LEU C 80 13.90 3.31 -7.00
N SER C 81 12.72 3.06 -7.53
CA SER C 81 12.62 2.13 -8.64
C SER C 81 11.61 2.62 -9.64
N ALA C 82 11.92 2.40 -10.92
CA ALA C 82 10.97 2.68 -11.99
C ALA C 82 9.78 1.74 -11.85
N ARG C 83 10.06 0.48 -11.51
CA ARG C 83 9.01 -0.52 -11.45
C ARG C 83 8.18 -0.42 -10.16
N SER C 84 6.89 -0.24 -10.34
CA SER C 84 5.98 0.00 -9.23
C SER C 84 5.01 -1.14 -8.97
N GLU C 85 5.39 -2.37 -9.28
CA GLU C 85 4.55 -3.53 -8.97
C GLU C 85 4.65 -3.91 -7.49
N GLU C 86 3.50 -4.24 -6.88
CA GLU C 86 3.46 -4.54 -5.44
C GLU C 86 4.47 -5.61 -5.03
N SER C 87 4.56 -6.68 -5.80
CA SER C 87 5.52 -7.76 -5.52
C SER C 87 6.97 -7.25 -5.44
N ASP C 88 7.33 -6.28 -6.27
CA ASP C 88 8.67 -5.67 -6.19
C ASP C 88 8.87 -4.94 -4.86
N LYS C 89 7.84 -4.22 -4.41
CA LYS C 89 7.97 -3.46 -3.17
C LYS C 89 8.12 -4.39 -1.96
N ILE C 90 7.27 -5.41 -1.91
CA ILE C 90 7.33 -6.40 -0.86
C ILE C 90 8.70 -7.08 -0.83
N ALA C 91 9.22 -7.45 -2.00
CA ALA C 91 10.50 -8.14 -2.08
C ALA C 91 11.62 -7.29 -1.51
N ALA C 92 11.66 -6.01 -1.87
CA ALA C 92 12.74 -5.14 -1.40
C ALA C 92 12.68 -4.88 0.11
N LEU C 93 11.47 -4.64 0.61
CA LEU C 93 11.24 -4.39 2.03
C LEU C 93 11.54 -5.63 2.87
N ASP C 94 10.98 -6.80 2.50
CA ASP C 94 11.34 -8.06 3.15
C ASP C 94 12.85 -8.37 3.13
N ALA C 95 13.57 -7.92 2.11
CA ALA C 95 15.00 -8.21 2.04
C ALA C 95 15.80 -7.31 3.00
N GLY C 96 15.18 -6.25 3.48
CA GLY C 96 15.84 -5.35 4.42
C GLY C 96 15.80 -3.86 4.10
N ALA C 97 15.15 -3.45 3.03
CA ALA C 97 15.05 -2.03 2.72
C ALA C 97 14.13 -1.37 3.74
N ASP C 98 14.36 -0.09 4.01
CA ASP C 98 13.55 0.64 4.96
C ASP C 98 12.39 1.37 4.31
N ASP C 99 12.50 1.72 3.02
CA ASP C 99 11.39 2.40 2.35
C ASP C 99 11.59 2.17 0.87
N TYR C 100 10.59 2.51 0.08
CA TYR C 100 10.60 2.28 -1.36
C TYR C 100 9.69 3.33 -1.99
N LEU C 101 10.21 4.11 -2.93
CA LEU C 101 9.42 5.09 -3.66
C LEU C 101 9.56 4.72 -5.10
N SER C 102 8.47 4.74 -5.85
CA SER C 102 8.55 4.47 -7.27
C SER C 102 8.88 5.72 -8.07
N LYS C 103 9.67 5.57 -9.15
CA LYS C 103 9.94 6.66 -10.10
C LYS C 103 8.78 6.76 -11.09
N PRO C 104 8.35 7.99 -11.44
CA PRO C 104 8.86 9.30 -11.01
C PRO C 104 8.48 9.64 -9.57
N PHE C 105 9.40 10.26 -8.84
CA PHE C 105 9.22 10.64 -7.44
C PHE C 105 9.12 12.17 -7.35
N GLY C 106 8.44 12.70 -6.33
CA GLY C 106 8.58 14.09 -5.93
C GLY C 106 9.79 14.28 -5.00
N ILE C 107 10.62 15.30 -5.27
CA ILE C 107 11.83 15.52 -4.46
C ILE C 107 11.53 15.84 -2.98
N GLY C 108 10.52 16.68 -2.72
CA GLY C 108 10.05 16.95 -1.37
C GLY C 108 9.63 15.72 -0.57
N GLU C 109 8.90 14.79 -1.18
CA GLU C 109 8.57 13.55 -0.47
C GLU C 109 9.80 12.71 -0.14
N LEU C 110 10.72 12.59 -1.10
CA LEU C 110 11.94 11.84 -0.86
C LEU C 110 12.74 12.40 0.31
N GLN C 111 12.88 13.73 0.35
CA GLN C 111 13.58 14.36 1.47
C GLN C 111 12.93 14.11 2.83
N ALA C 112 11.61 14.18 2.89
CA ALA C 112 10.90 13.90 4.13
C ALA C 112 11.12 12.44 4.57
N ARG C 113 11.20 11.53 3.60
CA ARG C 113 11.43 10.13 3.92
C ARG C 113 12.86 9.89 4.36
N LEU C 114 13.80 10.62 3.78
CA LEU C 114 15.19 10.61 4.26
C LEU C 114 15.24 11.02 5.71
N ARG C 115 14.54 12.10 6.04
CA ARG C 115 14.47 12.57 7.42
C ARG C 115 13.90 11.53 8.39
N VAL C 116 12.83 10.86 8.00
CA VAL C 116 12.30 9.78 8.84
C VAL C 116 13.38 8.71 9.09
N ALA C 117 14.02 8.25 8.02
CA ALA C 117 15.03 7.20 8.13
C ALA C 117 16.21 7.63 8.98
N LEU C 118 16.63 8.88 8.80
CA LEU C 118 17.76 9.42 9.55
C LEU C 118 17.52 9.53 11.05
N ARG C 119 16.29 9.83 11.48
CA ARG C 119 16.07 9.94 12.92
C ARG C 119 16.06 8.57 13.60
N ARG C 120 16.37 7.55 12.79
CA ARG C 120 16.57 6.17 13.24
C ARG C 120 15.28 5.58 13.78
I IOD D . -13.89 -5.64 14.02
I IOD E . -12.61 8.68 24.64
I IOD F . -0.19 1.60 -1.10
I IOD G . -6.04 -12.84 5.07
I IOD H . -1.99 13.18 9.10
I IOD I . -5.17 16.22 9.05
I IOD J . -10.06 -3.88 20.90
I IOD K . -1.45 -10.50 1.69
I IOD L . -9.64 6.50 2.28
I IOD M . -28.49 -9.65 -9.72
I IOD N . -14.19 -12.58 6.43
I IOD O . -27.81 -14.21 -13.05
I IOD P . -12.31 5.33 -8.65
I IOD Q . -8.23 -14.51 1.50
I IOD R . -26.58 -0.61 -5.35
I IOD S . -10.55 -14.50 -5.45
I IOD T . -9.98 -14.68 -7.41
I IOD U . -24.83 -21.81 -20.20
I IOD V . -13.45 -9.94 7.16
I IOD W . -27.72 -17.48 -11.07
I IOD X . -28.04 -11.01 -10.64
I IOD Y . -15.01 -13.90 -22.14
I IOD Z . -9.33 -1.97 -27.58
I IOD AA . 12.91 9.31 -12.98
I IOD BA . 29.66 -2.60 7.07
I IOD CA . 26.79 12.88 -10.10
I IOD DA . 34.66 3.09 -5.60
I IOD EA . 29.74 -12.08 3.77
I IOD FA . 12.53 20.00 -1.45
I IOD GA . 16.54 16.83 4.59
I IOD HA . 16.44 -6.57 7.90
I IOD IA . 20.05 -12.64 -3.24
I IOD JA . 9.87 11.82 15.60
I IOD KA . 20.58 17.89 -12.20
I IOD LA . 27.52 0.41 6.14
#